data_8TZW
#
_entry.id   8TZW
#
_cell.length_a   71.487
_cell.length_b   70.988
_cell.length_c   73.224
_cell.angle_alpha   90.000
_cell.angle_beta   107.361
_cell.angle_gamma   90.000
#
_symmetry.space_group_name_H-M   'P 1 21 1'
#
loop_
_entity.id
_entity.type
_entity.pdbx_description
1 polymer '10E8-IGL1 Fab heavy chain'
2 polymer '10E8-IGL1 Fab Light Chain'
3 polymer '10E8-GT4 epitope scaffold'
4 water water
#
loop_
_entity_poly.entity_id
_entity_poly.type
_entity_poly.pdbx_seq_one_letter_code
_entity_poly.pdbx_strand_id
1 'polypeptide(L)'
;EVQLVESGGGLVKPGGSLRLSCAASGFTFSNAWMSWVRQAPGKGLEWVGRIKSKTDGGTTDYAAPVKGRFTISRDDSKNT
LYLQMNSLKTEDTAVYYCARTGKYYDFWSGYPPGEEYFQDWGRGTLVTVSSASTKGPSVFPLAPSSKSTSGGTAALGCLV
KDYFPEPVTVSWNSGALTSGVHTFPAVLQSSGLYSLSSVVTVPSSSLGTQTYICNVNHKPSNTKVDKRVEPK
;
H
2 'polypeptide(L)'
;SELTQDPAVSVALGQTVRITCQGDSLRSYYASWYQQKPGQAPVLVIYGKNNRPSGIPDRFSGSSSGNTASLTITGAQAED
EADYYCSSRDKSGSRLSVFGGGTKLTVLSQPKAAPSVTLFPPSSEELQANKATLVCLISDFYPGAVTVAWKADSSPVKAG
VETTTPSKQSNNKYAASSYLSLTPEQWKSHRSYSCQVTHEGSTVEKTVAPTE
;
L
3 'polypeptide(L)'
;MQGIHFRRHYVRHLPKEVSQNDIIKALASPLINDGMVVSDFADHVITREQNFPTGLPVEPVGVAIPHTDGEYVRQNAISV
GILAEPVNFEDATGEPDPVPVRVVFMLALSNWDDITNVLYWIKAVIQDEDFMQQLLVMNDDEIYQSIYTRISELEH
;
C
#
# COMPACT_ATOMS: atom_id res chain seq x y z
N GLU A 1 -16.41 -4.14 -5.37
CA GLU A 1 -16.92 -5.50 -5.27
C GLU A 1 -16.03 -6.34 -4.36
N VAL A 2 -14.72 -6.11 -4.44
CA VAL A 2 -13.76 -6.79 -3.57
C VAL A 2 -13.68 -6.03 -2.26
N GLN A 3 -13.87 -6.74 -1.15
CA GLN A 3 -13.87 -6.12 0.18
C GLN A 3 -13.03 -6.95 1.14
N LEU A 4 -12.18 -6.27 1.90
CA LEU A 4 -11.35 -6.89 2.93
C LEU A 4 -11.51 -6.07 4.21
N VAL A 5 -11.96 -6.73 5.27
CA VAL A 5 -12.26 -6.06 6.53
C VAL A 5 -11.35 -6.66 7.61
N GLU A 6 -10.60 -5.80 8.28
CA GLU A 6 -9.75 -6.22 9.39
C GLU A 6 -10.40 -5.87 10.72
N SER A 7 -10.05 -6.64 11.75
CA SER A 7 -10.59 -6.42 13.08
C SER A 7 -9.65 -7.06 14.09
N GLY A 8 -9.83 -6.68 15.35
CA GLY A 8 -9.06 -7.22 16.46
C GLY A 8 -8.00 -6.30 17.02
N GLY A 9 -7.84 -5.09 16.49
CA GLY A 9 -6.81 -4.20 16.97
C GLY A 9 -7.19 -3.52 18.27
N GLY A 10 -6.18 -3.24 19.09
CA GLY A 10 -6.43 -2.57 20.36
C GLY A 10 -5.13 -2.29 21.07
N LEU A 11 -5.27 -1.88 22.33
CA LEU A 11 -4.13 -1.65 23.20
C LEU A 11 -3.70 -2.96 23.84
N VAL A 12 -2.41 -3.28 23.74
CA VAL A 12 -1.82 -4.49 24.31
C VAL A 12 -0.57 -4.10 25.08
N LYS A 13 -0.42 -4.67 26.28
CA LYS A 13 0.79 -4.44 27.06
C LYS A 13 1.99 -5.11 26.38
N PRO A 14 3.19 -4.56 26.57
CA PRO A 14 4.38 -5.18 25.97
C PRO A 14 4.57 -6.62 26.47
N GLY A 15 4.86 -7.51 25.53
CA GLY A 15 4.96 -8.92 25.84
C GLY A 15 3.65 -9.68 25.75
N GLY A 16 2.54 -9.00 25.46
CA GLY A 16 1.26 -9.66 25.34
C GLY A 16 1.02 -10.24 23.96
N SER A 17 -0.17 -10.81 23.80
CA SER A 17 -0.57 -11.47 22.56
C SER A 17 -1.85 -10.84 22.02
N LEU A 18 -1.97 -10.83 20.69
CA LEU A 18 -3.14 -10.29 20.04
C LEU A 18 -3.36 -11.02 18.72
N ARG A 19 -4.63 -11.27 18.38
CA ARG A 19 -5.01 -11.98 17.18
C ARG A 19 -5.85 -11.08 16.30
N LEU A 20 -5.49 -10.97 15.03
CA LEU A 20 -6.21 -10.17 14.06
C LEU A 20 -6.93 -11.08 13.06
N SER A 21 -8.08 -10.62 12.58
CA SER A 21 -8.86 -11.35 11.60
C SER A 21 -9.06 -10.48 10.35
N CYS A 22 -9.31 -11.15 9.24
CA CYS A 22 -9.49 -10.47 7.96
C CYS A 22 -10.60 -11.19 7.19
N ALA A 23 -11.72 -10.52 6.97
CA ALA A 23 -12.84 -11.07 6.23
C ALA A 23 -12.70 -10.71 4.76
N ALA A 24 -12.68 -11.73 3.89
CA ALA A 24 -12.47 -11.55 2.46
C ALA A 24 -13.77 -11.81 1.72
N SER A 25 -14.19 -10.85 0.91
CA SER A 25 -15.37 -10.98 0.07
C SER A 25 -15.10 -10.36 -1.29
N GLY A 26 -15.60 -11.01 -2.34
CA GLY A 26 -15.50 -10.49 -3.69
C GLY A 26 -14.59 -11.26 -4.63
N PHE A 27 -14.06 -12.41 -4.22
CA PHE A 27 -13.18 -13.20 -5.07
C PHE A 27 -13.14 -14.63 -4.52
N THR A 28 -12.24 -15.43 -5.07
CA THR A 28 -12.06 -16.82 -4.65
C THR A 28 -10.92 -16.83 -3.63
N PHE A 29 -11.28 -16.68 -2.35
CA PHE A 29 -10.28 -16.63 -1.28
C PHE A 29 -9.46 -17.91 -1.19
N SER A 30 -9.98 -19.03 -1.67
CA SER A 30 -9.26 -20.30 -1.53
C SER A 30 -8.03 -20.35 -2.43
N ASN A 31 -8.07 -19.66 -3.58
CA ASN A 31 -6.98 -19.67 -4.53
C ASN A 31 -6.06 -18.47 -4.43
N ALA A 32 -6.49 -17.38 -3.80
CA ALA A 32 -5.69 -16.17 -3.78
C ALA A 32 -4.67 -16.21 -2.66
N TRP A 33 -3.52 -15.59 -2.90
CA TRP A 33 -2.52 -15.39 -1.86
C TRP A 33 -2.90 -14.19 -0.98
N MET A 34 -2.38 -14.19 0.25
CA MET A 34 -2.78 -13.23 1.26
C MET A 34 -1.56 -12.72 2.02
N SER A 35 -1.49 -11.40 2.22
CA SER A 35 -0.37 -10.77 2.91
C SER A 35 -0.87 -9.86 4.02
N TRP A 36 0.01 -9.65 5.00
CA TRP A 36 -0.19 -8.68 6.06
C TRP A 36 0.88 -7.60 5.95
N VAL A 37 0.46 -6.35 5.92
CA VAL A 37 1.37 -5.20 5.86
C VAL A 37 0.96 -4.22 6.94
N ARG A 38 1.95 -3.67 7.64
CA ARG A 38 1.70 -2.72 8.72
C ARG A 38 2.33 -1.37 8.40
N GLN A 39 1.80 -0.34 9.04
CA GLN A 39 2.29 1.03 8.88
C GLN A 39 2.20 1.74 10.23
N ALA A 40 3.37 2.01 10.83
CA ALA A 40 3.40 2.79 12.05
C ALA A 40 2.90 4.20 11.78
N PRO A 41 2.29 4.85 12.76
CA PRO A 41 1.77 6.22 12.54
C PRO A 41 2.90 7.17 12.17
N GLY A 42 2.71 7.87 11.05
CA GLY A 42 3.71 8.79 10.55
C GLY A 42 4.91 8.15 9.87
N LYS A 43 4.87 6.85 9.61
CA LYS A 43 5.99 6.14 8.99
C LYS A 43 5.52 5.50 7.69
N GLY A 44 6.40 4.69 7.10
CA GLY A 44 6.12 4.04 5.84
C GLY A 44 5.58 2.63 6.00
N LEU A 45 5.25 2.03 4.85
CA LEU A 45 4.72 0.67 4.83
C LEU A 45 5.83 -0.33 5.10
N GLU A 46 5.50 -1.37 5.88
CA GLU A 46 6.43 -2.45 6.15
C GLU A 46 5.72 -3.79 5.99
N TRP A 47 6.28 -4.65 5.14
CA TRP A 47 5.71 -5.96 4.89
C TRP A 47 5.90 -6.85 6.11
N VAL A 48 4.82 -7.49 6.56
CA VAL A 48 4.87 -8.35 7.74
C VAL A 48 5.06 -9.80 7.31
N GLY A 49 4.13 -10.32 6.51
CA GLY A 49 4.21 -11.70 6.09
C GLY A 49 3.21 -11.99 4.98
N ARG A 50 3.17 -13.26 4.58
CA ARG A 50 2.34 -13.70 3.47
C ARG A 50 2.10 -15.20 3.60
N ILE A 51 0.88 -15.63 3.28
CA ILE A 51 0.52 -17.04 3.23
C ILE A 51 0.05 -17.37 1.82
N LYS A 52 0.51 -18.51 1.30
CA LYS A 52 0.12 -18.95 -0.04
C LYS A 52 -1.21 -19.69 0.02
N SER A 53 -1.79 -19.93 -1.16
CA SER A 53 -2.98 -20.73 -1.24
C SER A 53 -2.65 -22.21 -1.02
N LYS A 54 -3.68 -22.99 -0.69
CA LYS A 54 -3.48 -24.43 -0.55
C LYS A 54 -3.02 -25.06 -1.84
N THR A 55 -3.32 -24.44 -2.99
CA THR A 55 -2.83 -24.93 -4.27
C THR A 55 -1.31 -24.89 -4.33
N ASP A 56 -0.70 -23.80 -3.88
CA ASP A 56 0.74 -23.59 -3.96
C ASP A 56 1.48 -24.05 -2.71
N GLY A 57 0.90 -24.98 -1.94
CA GLY A 57 1.55 -25.55 -0.77
C GLY A 57 1.17 -24.89 0.55
N GLY A 58 0.57 -23.71 0.51
CA GLY A 58 0.22 -23.02 1.74
C GLY A 58 1.40 -22.57 2.57
N THR A 59 2.54 -22.28 1.93
CA THR A 59 3.71 -21.83 2.66
C THR A 59 3.47 -20.45 3.27
N THR A 60 4.18 -20.17 4.36
CA THR A 60 4.14 -18.87 5.01
C THR A 60 5.56 -18.30 5.10
N ASP A 61 5.65 -16.98 4.95
CA ASP A 61 6.92 -16.27 5.07
C ASP A 61 6.72 -15.04 5.92
N TYR A 62 7.79 -14.64 6.62
CA TYR A 62 7.72 -13.54 7.58
C TYR A 62 8.96 -12.67 7.47
N ALA A 63 8.78 -11.37 7.71
CA ALA A 63 9.91 -10.47 7.79
C ALA A 63 10.77 -10.80 9.01
N ALA A 64 12.00 -10.28 9.00
CA ALA A 64 12.93 -10.58 10.08
C ALA A 64 12.45 -10.12 11.45
N PRO A 65 11.95 -8.89 11.65
CA PRO A 65 11.60 -8.45 13.01
C PRO A 65 10.40 -9.16 13.62
N VAL A 66 9.66 -9.96 12.84
CA VAL A 66 8.46 -10.63 13.33
C VAL A 66 8.54 -12.15 13.20
N LYS A 67 9.61 -12.69 12.63
CA LYS A 67 9.68 -14.13 12.42
C LYS A 67 9.72 -14.87 13.74
N GLY A 68 8.86 -15.88 13.86
CA GLY A 68 8.72 -16.66 15.08
C GLY A 68 7.69 -16.10 16.04
N ARG A 69 7.63 -14.77 16.15
CA ARG A 69 6.65 -14.13 17.03
C ARG A 69 5.28 -14.05 16.36
N PHE A 70 5.24 -13.61 15.10
CA PHE A 70 3.99 -13.51 14.37
C PHE A 70 3.76 -14.78 13.56
N THR A 71 2.48 -15.13 13.40
CA THR A 71 2.10 -16.33 12.66
C THR A 71 0.87 -16.04 11.83
N ILE A 72 0.91 -16.42 10.56
CA ILE A 72 -0.20 -16.20 9.63
C ILE A 72 -0.86 -17.54 9.34
N SER A 73 -2.17 -17.60 9.54
CA SER A 73 -2.97 -18.78 9.27
C SER A 73 -4.24 -18.36 8.55
N ARG A 74 -4.65 -19.14 7.56
CA ARG A 74 -5.84 -18.84 6.79
C ARG A 74 -6.93 -19.87 7.10
N ASP A 75 -8.15 -19.53 6.68
CA ASP A 75 -9.32 -20.40 6.89
C ASP A 75 -10.21 -20.26 5.66
N ASP A 76 -9.97 -21.12 4.67
CA ASP A 76 -10.75 -21.10 3.44
C ASP A 76 -12.22 -21.45 3.66
N SER A 77 -12.52 -22.17 4.75
CA SER A 77 -13.89 -22.60 5.00
C SER A 77 -14.82 -21.41 5.26
N LYS A 78 -14.30 -20.36 5.89
CA LYS A 78 -15.12 -19.18 6.20
C LYS A 78 -14.57 -17.92 5.55
N ASN A 79 -13.62 -18.05 4.62
CA ASN A 79 -13.06 -16.92 3.87
C ASN A 79 -12.51 -15.85 4.81
N THR A 80 -11.67 -16.29 5.75
CA THR A 80 -11.10 -15.40 6.74
C THR A 80 -9.61 -15.66 6.90
N LEU A 81 -8.86 -14.59 7.11
CA LEU A 81 -7.43 -14.68 7.36
C LEU A 81 -7.12 -14.22 8.78
N TYR A 82 -6.09 -14.82 9.37
CA TYR A 82 -5.74 -14.58 10.76
C TYR A 82 -4.27 -14.20 10.87
N LEU A 83 -3.98 -13.35 11.86
CA LEU A 83 -2.62 -12.93 12.20
C LEU A 83 -2.48 -13.04 13.72
N GLN A 84 -1.77 -14.07 14.17
CA GLN A 84 -1.55 -14.28 15.60
C GLN A 84 -0.23 -13.62 16.00
N MET A 85 -0.33 -12.59 16.83
CA MET A 85 0.82 -11.82 17.27
C MET A 85 1.14 -12.21 18.72
N ASN A 86 2.35 -12.70 18.96
CA ASN A 86 2.80 -13.07 20.29
C ASN A 86 4.07 -12.28 20.63
N SER A 87 4.28 -12.08 21.94
CA SER A 87 5.44 -11.33 22.44
C SER A 87 5.52 -9.94 21.81
N LEU A 88 4.42 -9.18 21.92
CA LEU A 88 4.34 -7.89 21.27
C LEU A 88 5.32 -6.90 21.90
N LYS A 89 5.98 -6.12 21.05
CA LYS A 89 6.92 -5.09 21.48
C LYS A 89 6.42 -3.73 21.02
N THR A 90 7.01 -2.68 21.60
CA THR A 90 6.63 -1.32 21.26
C THR A 90 6.72 -1.08 19.75
N GLU A 91 7.72 -1.69 19.10
CA GLU A 91 7.93 -1.47 17.67
C GLU A 91 6.78 -2.00 16.82
N ASP A 92 5.95 -2.89 17.36
CA ASP A 92 4.85 -3.47 16.60
C ASP A 92 3.63 -2.55 16.54
N THR A 93 3.67 -1.39 17.19
CA THR A 93 2.56 -0.44 17.15
C THR A 93 2.40 0.09 15.73
N ALA A 94 1.31 -0.27 15.06
CA ALA A 94 1.10 0.12 13.68
C ALA A 94 -0.34 -0.18 13.28
N VAL A 95 -0.77 0.46 12.20
CA VAL A 95 -2.00 0.08 11.51
C VAL A 95 -1.70 -1.13 10.63
N TYR A 96 -2.36 -2.25 10.91
CA TYR A 96 -2.14 -3.50 10.20
C TYR A 96 -3.15 -3.64 9.07
N TYR A 97 -2.65 -3.85 7.86
CA TYR A 97 -3.47 -3.99 6.66
C TYR A 97 -3.47 -5.44 6.16
N CYS A 98 -4.57 -5.81 5.53
CA CYS A 98 -4.76 -7.12 4.94
C CYS A 98 -4.89 -6.96 3.43
N ALA A 99 -3.99 -7.58 2.68
CA ALA A 99 -3.89 -7.34 1.23
C ALA A 99 -3.92 -8.65 0.45
N ARG A 100 -4.63 -8.64 -0.66
CA ARG A 100 -4.66 -9.78 -1.57
C ARG A 100 -3.44 -9.72 -2.49
N THR A 101 -2.63 -10.78 -2.46
CA THR A 101 -1.34 -10.79 -3.14
C THR A 101 -1.47 -11.45 -4.51
N GLY A 102 -0.95 -10.76 -5.53
CA GLY A 102 -0.89 -11.30 -6.87
C GLY A 102 0.49 -11.83 -7.21
N LYS A 103 0.55 -12.62 -8.27
CA LYS A 103 1.78 -13.25 -8.72
C LYS A 103 2.13 -12.77 -10.12
N TYR A 104 3.43 -12.65 -10.40
CA TYR A 104 3.89 -12.20 -11.70
C TYR A 104 5.26 -12.79 -12.00
N TYR A 105 5.49 -13.10 -13.27
CA TYR A 105 6.78 -13.60 -13.72
C TYR A 105 6.92 -13.30 -15.20
N ASP A 106 7.86 -12.43 -15.56
CA ASP A 106 8.16 -12.16 -16.96
C ASP A 106 9.05 -13.25 -17.51
N PHE A 107 8.63 -13.87 -18.61
CA PHE A 107 9.36 -15.02 -19.14
C PHE A 107 10.76 -14.64 -19.61
N TRP A 108 10.89 -13.51 -20.31
CA TRP A 108 12.17 -13.18 -20.93
C TRP A 108 13.16 -12.53 -19.97
N SER A 109 12.68 -11.86 -18.92
CA SER A 109 13.54 -11.10 -18.03
C SER A 109 13.27 -11.36 -16.55
N GLY A 110 12.54 -12.40 -16.20
CA GLY A 110 12.19 -12.68 -14.82
C GLY A 110 13.08 -13.73 -14.20
N TYR A 111 13.25 -13.62 -12.88
CA TYR A 111 13.99 -14.58 -12.07
C TYR A 111 13.03 -15.20 -11.06
N PRO A 112 12.98 -16.52 -10.96
CA PRO A 112 12.18 -17.17 -9.90
C PRO A 112 12.55 -16.65 -8.53
N PRO A 113 11.61 -16.67 -7.57
CA PRO A 113 10.23 -17.15 -7.67
C PRO A 113 9.28 -16.09 -8.21
N GLY A 114 9.79 -15.08 -8.91
CA GLY A 114 8.95 -14.03 -9.42
C GLY A 114 8.74 -12.92 -8.42
N GLU A 115 7.73 -12.10 -8.72
CA GLU A 115 7.43 -10.90 -7.96
C GLU A 115 6.02 -10.98 -7.41
N GLU A 116 5.82 -10.42 -6.20
CA GLU A 116 4.52 -10.42 -5.53
C GLU A 116 4.06 -8.99 -5.37
N TYR A 117 2.86 -8.70 -5.88
CA TYR A 117 2.24 -7.39 -5.74
C TYR A 117 0.94 -7.53 -4.95
N PHE A 118 0.44 -6.39 -4.46
CA PHE A 118 -0.71 -6.35 -3.58
C PHE A 118 -1.81 -5.55 -4.26
N GLN A 119 -2.86 -6.25 -4.72
CA GLN A 119 -3.90 -5.65 -5.53
C GLN A 119 -4.91 -4.89 -4.67
N ASP A 120 -5.59 -5.61 -3.77
CA ASP A 120 -6.64 -5.05 -2.95
C ASP A 120 -6.19 -4.97 -1.51
N TRP A 121 -6.47 -3.83 -0.87
CA TRP A 121 -6.07 -3.55 0.50
C TRP A 121 -7.29 -3.34 1.38
N GLY A 122 -7.26 -3.94 2.56
CA GLY A 122 -8.27 -3.63 3.56
C GLY A 122 -8.07 -2.23 4.13
N ARG A 123 -9.02 -1.83 4.98
CA ARG A 123 -8.97 -0.48 5.57
C ARG A 123 -7.98 -0.38 6.72
N GLY A 124 -7.60 -1.51 7.33
CA GLY A 124 -6.57 -1.49 8.37
C GLY A 124 -7.12 -1.43 9.79
N THR A 125 -6.46 -2.14 10.71
CA THR A 125 -6.82 -2.12 12.11
C THR A 125 -5.63 -1.64 12.94
N LEU A 126 -5.90 -0.77 13.91
CA LEU A 126 -4.84 -0.13 14.69
C LEU A 126 -4.46 -0.99 15.89
N VAL A 127 -3.17 -1.28 16.02
CA VAL A 127 -2.62 -2.03 17.15
C VAL A 127 -1.65 -1.12 17.89
N THR A 128 -1.87 -0.96 19.20
CA THR A 128 -1.05 -0.12 20.05
C THR A 128 -0.43 -1.00 21.13
N VAL A 129 0.89 -1.09 21.16
CA VAL A 129 1.62 -1.85 22.16
C VAL A 129 2.30 -0.84 23.09
N SER A 130 1.79 -0.72 24.30
CA SER A 130 2.31 0.27 25.25
C SER A 130 1.99 -0.18 26.66
N SER A 131 2.93 0.08 27.58
CA SER A 131 2.67 -0.13 29.00
C SER A 131 1.77 0.94 29.59
N ALA A 132 1.58 2.07 28.90
CA ALA A 132 0.68 3.11 29.38
C ALA A 132 -0.77 2.64 29.32
N SER A 133 -1.56 3.08 30.30
CA SER A 133 -2.93 2.62 30.42
C SER A 133 -3.89 3.55 29.69
N THR A 134 -5.07 3.01 29.39
CA THR A 134 -6.11 3.78 28.73
C THR A 134 -6.50 5.00 29.56
N LYS A 135 -6.84 6.09 28.87
CA LYS A 135 -7.27 7.31 29.54
C LYS A 135 -8.22 8.07 28.64
N GLY A 136 -9.40 8.39 29.17
CA GLY A 136 -10.37 9.17 28.44
C GLY A 136 -9.92 10.61 28.26
N PRO A 137 -10.46 11.27 27.24
CA PRO A 137 -10.01 12.62 26.91
C PRO A 137 -10.62 13.69 27.79
N SER A 138 -9.91 14.80 27.90
CA SER A 138 -10.42 16.03 28.49
C SER A 138 -10.71 17.02 27.37
N VAL A 139 -11.91 17.59 27.37
CA VAL A 139 -12.37 18.46 26.29
C VAL A 139 -12.50 19.87 26.85
N PHE A 140 -11.66 20.78 26.36
CA PHE A 140 -11.72 22.18 26.75
C PHE A 140 -12.18 23.04 25.57
N PRO A 141 -12.91 24.12 25.83
CA PRO A 141 -13.40 24.96 24.73
C PRO A 141 -12.31 25.88 24.19
N LEU A 142 -12.38 26.12 22.88
CA LEU A 142 -11.57 27.14 22.21
C LEU A 142 -12.54 28.24 21.77
N ALA A 143 -12.84 29.13 22.70
CA ALA A 143 -13.90 30.11 22.49
C ALA A 143 -13.38 31.30 21.69
N PRO A 144 -14.19 31.86 20.80
CA PRO A 144 -13.80 33.09 20.10
C PRO A 144 -14.09 34.32 20.94
N SER A 145 -13.45 35.42 20.55
CA SER A 145 -13.62 36.69 21.25
C SER A 145 -13.51 37.82 20.24
N SER A 146 -13.72 39.04 20.72
CA SER A 146 -13.65 40.23 19.88
C SER A 146 -12.19 40.58 19.54
N LYS A 147 -11.45 39.59 19.04
CA LYS A 147 -10.05 39.74 18.68
C LYS A 147 -9.63 38.50 17.91
N SER A 148 -10.21 37.36 18.27
CA SER A 148 -10.03 36.11 17.54
C SER A 148 -10.86 36.06 16.26
N THR A 149 -11.74 37.02 16.04
CA THR A 149 -12.58 37.03 14.86
C THR A 149 -11.82 37.55 13.64
N SER A 150 -12.26 37.11 12.46
CA SER A 150 -11.70 37.54 11.18
C SER A 150 -12.82 38.12 10.32
N GLY A 151 -13.29 39.31 10.70
CA GLY A 151 -14.35 39.97 9.97
C GLY A 151 -15.71 39.31 10.14
N GLY A 152 -16.31 38.87 9.03
CA GLY A 152 -17.61 38.23 9.09
C GLY A 152 -17.58 36.78 9.55
N THR A 153 -16.41 36.15 9.54
CA THR A 153 -16.25 34.77 9.96
C THR A 153 -15.45 34.70 11.25
N ALA A 154 -15.78 33.72 12.08
CA ALA A 154 -15.13 33.51 13.36
C ALA A 154 -14.74 32.04 13.49
N ALA A 155 -13.69 31.79 14.26
CA ALA A 155 -13.16 30.45 14.48
C ALA A 155 -13.38 30.06 15.93
N LEU A 156 -14.07 28.93 16.13
CA LEU A 156 -14.24 28.36 17.47
C LEU A 156 -14.02 26.86 17.37
N GLY A 157 -13.69 26.25 18.51
CA GLY A 157 -13.46 24.83 18.50
C GLY A 157 -13.30 24.25 19.88
N CYS A 158 -12.79 23.03 19.93
N CYS A 158 -12.79 23.03 19.92
CA CYS A 158 -12.58 22.27 21.16
CA CYS A 158 -12.51 22.35 21.17
C CYS A 158 -11.19 21.66 21.17
C CYS A 158 -11.09 21.83 21.17
N LEU A 159 -10.60 21.56 22.37
CA LEU A 159 -9.27 20.98 22.56
C LEU A 159 -9.46 19.63 23.25
N VAL A 160 -9.30 18.55 22.49
CA VAL A 160 -9.38 17.19 23.02
C VAL A 160 -8.00 16.85 23.58
N LYS A 161 -7.86 16.90 24.89
CA LYS A 161 -6.56 16.86 25.56
C LYS A 161 -6.41 15.59 26.38
N ASP A 162 -5.19 15.02 26.36
CA ASP A 162 -4.78 13.95 27.26
C ASP A 162 -5.65 12.70 27.15
N TYR A 163 -5.45 11.91 26.10
CA TYR A 163 -6.16 10.65 25.95
C TYR A 163 -5.21 9.61 25.38
N PHE A 164 -5.52 8.35 25.66
CA PHE A 164 -4.69 7.26 25.17
C PHE A 164 -5.51 5.96 25.15
N PRO A 165 -5.45 5.20 24.05
CA PRO A 165 -4.70 5.46 22.82
C PRO A 165 -5.56 6.14 21.75
N GLU A 166 -5.06 6.18 20.51
CA GLU A 166 -5.84 6.65 19.38
C GLU A 166 -6.96 5.64 19.07
N PRO A 167 -8.01 6.07 18.35
CA PRO A 167 -8.29 7.42 17.84
C PRO A 167 -9.42 8.13 18.56
N VAL A 168 -9.63 9.39 18.20
CA VAL A 168 -10.73 10.20 18.71
C VAL A 168 -11.48 10.77 17.51
N THR A 169 -12.79 10.54 17.46
CA THR A 169 -13.64 11.09 16.41
C THR A 169 -14.43 12.26 16.98
N VAL A 170 -14.52 13.35 16.22
CA VAL A 170 -15.17 14.56 16.65
C VAL A 170 -16.25 14.95 15.63
N SER A 171 -17.42 15.32 16.13
CA SER A 171 -18.48 15.88 15.31
C SER A 171 -19.00 17.14 15.99
N TRP A 172 -19.81 17.90 15.24
CA TRP A 172 -20.32 19.18 15.72
C TRP A 172 -21.83 19.20 15.58
N ASN A 173 -22.52 19.57 16.66
CA ASN A 173 -23.98 19.62 16.69
C ASN A 173 -24.58 18.30 16.23
N SER A 174 -24.03 17.20 16.74
CA SER A 174 -24.52 15.85 16.44
C SER A 174 -24.50 15.58 14.93
N GLY A 175 -23.45 16.04 14.26
CA GLY A 175 -23.31 15.85 12.83
C GLY A 175 -24.04 16.85 11.97
N ALA A 176 -24.89 17.69 12.55
CA ALA A 176 -25.63 18.68 11.76
C ALA A 176 -24.76 19.82 11.27
N LEU A 177 -23.56 20.00 11.83
CA LEU A 177 -22.65 21.07 11.45
C LEU A 177 -21.39 20.44 10.87
N THR A 178 -21.30 20.44 9.53
CA THR A 178 -20.13 19.93 8.83
C THR A 178 -19.50 20.95 7.88
N SER A 179 -20.14 22.09 7.66
CA SER A 179 -19.61 23.11 6.77
C SER A 179 -18.61 23.97 7.54
N GLY A 180 -17.34 23.90 7.15
CA GLY A 180 -16.30 24.65 7.82
C GLY A 180 -15.59 23.91 8.94
N VAL A 181 -15.89 22.63 9.12
CA VAL A 181 -15.32 21.84 10.21
C VAL A 181 -14.00 21.23 9.73
N HIS A 182 -12.96 21.35 10.57
CA HIS A 182 -11.67 20.73 10.29
C HIS A 182 -11.12 20.18 11.59
N THR A 183 -10.80 18.88 11.59
CA THR A 183 -10.26 18.19 12.75
C THR A 183 -8.80 17.85 12.47
N PHE A 184 -7.90 18.42 13.26
CA PHE A 184 -6.48 18.27 13.03
C PHE A 184 -5.97 16.91 13.51
N PRO A 185 -4.85 16.44 12.98
CA PRO A 185 -4.29 15.18 13.46
C PRO A 185 -3.80 15.29 14.89
N ALA A 186 -3.76 14.15 15.56
CA ALA A 186 -3.37 14.12 16.95
C ALA A 186 -1.89 14.46 17.10
N VAL A 187 -1.53 14.83 18.33
CA VAL A 187 -0.15 15.16 18.67
C VAL A 187 0.19 14.46 19.98
N LEU A 188 1.46 14.07 20.11
CA LEU A 188 1.94 13.30 21.26
C LEU A 188 2.60 14.25 22.26
N GLN A 189 1.99 14.43 23.42
CA GLN A 189 2.47 15.40 24.40
C GLN A 189 3.54 14.76 25.30
N SER A 190 3.96 15.51 26.32
CA SER A 190 5.07 15.07 27.16
C SER A 190 4.67 13.92 28.07
N SER A 191 3.40 13.86 28.48
CA SER A 191 2.92 12.74 29.30
C SER A 191 2.86 11.42 28.54
N GLY A 192 3.02 11.45 27.22
CA GLY A 192 2.81 10.29 26.39
C GLY A 192 1.39 10.14 25.87
N LEU A 193 0.49 11.03 26.26
CA LEU A 193 -0.89 11.00 25.80
C LEU A 193 -1.03 11.76 24.48
N TYR A 194 -2.24 11.73 23.92
CA TYR A 194 -2.53 12.36 22.65
C TYR A 194 -3.42 13.59 22.84
N SER A 195 -3.32 14.51 21.89
CA SER A 195 -4.16 15.71 21.88
C SER A 195 -4.40 16.13 20.44
N LEU A 196 -5.62 16.60 20.17
CA LEU A 196 -5.94 17.15 18.87
C LEU A 196 -6.94 18.29 19.06
N SER A 197 -7.24 18.97 17.95
CA SER A 197 -8.15 20.10 17.95
C SER A 197 -9.17 19.92 16.83
N SER A 198 -10.37 20.46 17.05
CA SER A 198 -11.42 20.46 16.04
C SER A 198 -12.02 21.86 16.01
N VAL A 199 -11.85 22.56 14.90
CA VAL A 199 -12.29 23.94 14.74
C VAL A 199 -13.34 23.99 13.65
N VAL A 200 -14.35 24.84 13.83
CA VAL A 200 -15.35 25.10 12.81
C VAL A 200 -15.38 26.59 12.52
N THR A 201 -15.32 26.95 11.25
CA THR A 201 -15.45 28.34 10.84
C THR A 201 -16.93 28.71 10.83
N VAL A 202 -17.25 29.84 11.45
CA VAL A 202 -18.64 30.20 11.75
C VAL A 202 -18.86 31.68 11.49
N PRO A 203 -20.00 32.07 10.95
CA PRO A 203 -20.29 33.50 10.80
C PRO A 203 -20.35 34.22 12.14
N SER A 204 -19.67 35.35 12.23
CA SER A 204 -19.57 36.09 13.49
C SER A 204 -20.91 36.63 13.96
N SER A 205 -21.88 36.82 13.06
CA SER A 205 -23.16 37.36 13.46
C SER A 205 -23.94 36.39 14.33
N SER A 206 -23.81 35.09 14.08
CA SER A 206 -24.53 34.06 14.83
C SER A 206 -23.71 33.50 15.98
N LEU A 207 -23.02 34.35 16.74
CA LEU A 207 -22.25 33.92 17.89
C LEU A 207 -22.96 34.13 19.22
N GLY A 208 -24.07 34.87 19.22
CA GLY A 208 -24.82 35.07 20.44
C GLY A 208 -26.16 34.35 20.41
N THR A 209 -26.54 33.84 19.24
CA THR A 209 -27.82 33.17 19.07
C THR A 209 -27.67 31.65 18.98
N GLN A 210 -26.95 31.16 17.96
CA GLN A 210 -26.83 29.73 17.75
C GLN A 210 -25.84 29.11 18.72
N THR A 211 -26.20 27.94 19.24
CA THR A 211 -25.34 27.20 20.17
C THR A 211 -24.48 26.20 19.41
N TYR A 212 -23.28 25.97 19.93
CA TYR A 212 -22.30 25.09 19.29
C TYR A 212 -21.81 24.07 20.30
N ILE A 213 -21.93 22.79 19.96
CA ILE A 213 -21.52 21.69 20.82
C ILE A 213 -20.63 20.77 20.00
N CYS A 214 -19.44 20.48 20.52
CA CYS A 214 -18.57 19.49 19.91
C CYS A 214 -18.80 18.14 20.57
N ASN A 215 -18.93 17.10 19.75
CA ASN A 215 -19.16 15.74 20.24
C ASN A 215 -17.85 14.97 20.07
N VAL A 216 -17.27 14.53 21.18
CA VAL A 216 -16.02 13.77 21.16
C VAL A 216 -16.34 12.32 21.45
N ASN A 217 -15.78 11.42 20.64
CA ASN A 217 -15.94 9.99 20.83
C ASN A 217 -14.57 9.34 20.95
N HIS A 218 -14.37 8.59 22.03
CA HIS A 218 -13.12 7.86 22.28
C HIS A 218 -13.52 6.43 22.66
N LYS A 219 -13.68 5.58 21.64
CA LYS A 219 -14.11 4.20 21.89
C LYS A 219 -13.13 3.39 22.74
N PRO A 220 -11.82 3.47 22.57
CA PRO A 220 -10.92 2.67 23.42
C PRO A 220 -11.09 2.91 24.91
N SER A 221 -11.75 3.99 25.31
CA SER A 221 -12.13 4.20 26.71
C SER A 221 -13.64 4.23 26.91
N ASN A 222 -14.43 4.05 25.84
CA ASN A 222 -15.88 4.03 25.93
C ASN A 222 -16.42 5.32 26.52
N THR A 223 -15.85 6.44 26.11
CA THR A 223 -16.21 7.76 26.60
C THR A 223 -16.77 8.58 25.45
N LYS A 224 -17.80 9.36 25.74
CA LYS A 224 -18.35 10.36 24.82
C LYS A 224 -18.60 11.64 25.58
N VAL A 225 -18.07 12.75 25.08
CA VAL A 225 -18.17 14.04 25.74
C VAL A 225 -18.84 15.03 24.79
N ASP A 226 -19.84 15.74 25.30
CA ASP A 226 -20.48 16.84 24.59
C ASP A 226 -20.15 18.12 25.32
N LYS A 227 -19.34 18.97 24.69
CA LYS A 227 -18.85 20.21 25.29
C LYS A 227 -19.48 21.40 24.60
N ARG A 228 -20.12 22.27 25.38
CA ARG A 228 -20.69 23.50 24.84
C ARG A 228 -19.62 24.56 24.73
N VAL A 229 -19.58 25.27 23.61
CA VAL A 229 -18.61 26.32 23.35
C VAL A 229 -19.36 27.65 23.28
N GLU A 230 -19.20 28.48 24.30
CA GLU A 230 -19.80 29.82 24.30
C GLU A 230 -18.71 30.88 24.11
N PRO A 231 -19.03 32.01 23.48
CA PRO A 231 -18.02 33.05 23.24
C PRO A 231 -17.48 33.70 24.52
N LYS A 232 -16.59 34.67 24.34
CA LYS A 232 -15.81 35.26 25.44
C LYS A 232 -14.97 34.20 26.14
N SER B 1 16.54 0.52 4.60
CA SER B 1 16.25 -0.82 4.08
C SER B 1 16.95 -1.03 2.74
N GLU B 2 16.59 -2.13 2.05
CA GLU B 2 17.21 -2.41 0.76
C GLU B 2 16.76 -1.43 -0.32
N LEU B 3 15.46 -1.12 -0.35
CA LEU B 3 14.91 -0.22 -1.36
C LEU B 3 14.91 1.20 -0.83
N THR B 4 15.44 2.12 -1.62
CA THR B 4 15.62 3.52 -1.23
C THR B 4 14.90 4.42 -2.23
N GLN B 5 14.16 5.40 -1.72
CA GLN B 5 13.44 6.36 -2.55
C GLN B 5 13.82 7.78 -2.14
N ASP B 6 13.48 8.72 -3.02
CA ASP B 6 13.58 10.14 -2.69
C ASP B 6 12.47 10.49 -1.69
N PRO B 7 12.79 11.16 -0.57
CA PRO B 7 11.73 11.45 0.41
C PRO B 7 10.59 12.31 -0.11
N ALA B 8 10.90 13.41 -0.79
CA ALA B 8 9.87 14.33 -1.27
C ALA B 8 10.22 14.84 -2.65
N VAL B 9 9.19 14.96 -3.50
CA VAL B 9 9.33 15.49 -4.85
C VAL B 9 8.09 16.32 -5.15
N SER B 10 8.30 17.50 -5.74
CA SER B 10 7.22 18.39 -6.12
C SER B 10 7.24 18.63 -7.62
N VAL B 11 6.05 18.77 -8.22
CA VAL B 11 5.90 18.94 -9.65
C VAL B 11 4.79 19.95 -9.92
N ALA B 12 4.92 20.68 -11.03
CA ALA B 12 3.90 21.62 -11.46
C ALA B 12 2.71 20.88 -12.07
N LEU B 13 1.53 21.43 -11.86
CA LEU B 13 0.30 20.81 -12.36
C LEU B 13 0.33 20.72 -13.88
N GLY B 14 0.15 19.51 -14.39
CA GLY B 14 0.15 19.29 -15.83
C GLY B 14 1.49 18.93 -16.42
N GLN B 15 2.51 18.69 -15.61
CA GLN B 15 3.85 18.35 -16.09
C GLN B 15 4.22 16.95 -15.64
N THR B 16 5.38 16.48 -16.09
CA THR B 16 5.81 15.11 -15.89
C THR B 16 6.77 15.02 -14.70
N VAL B 17 6.63 13.95 -13.92
CA VAL B 17 7.43 13.73 -12.73
C VAL B 17 7.88 12.27 -12.69
N ARG B 18 9.08 12.05 -12.18
CA ARG B 18 9.67 10.72 -12.07
C ARG B 18 10.04 10.43 -10.63
N ILE B 19 9.53 9.35 -10.08
CA ILE B 19 9.90 8.86 -8.76
C ILE B 19 10.77 7.62 -8.96
N THR B 20 11.91 7.58 -8.28
CA THR B 20 12.91 6.53 -8.48
C THR B 20 13.05 5.69 -7.21
N CYS B 21 13.27 4.40 -7.41
CA CYS B 21 13.46 3.43 -6.35
C CYS B 21 14.75 2.66 -6.65
N GLN B 22 15.66 2.62 -5.69
CA GLN B 22 16.98 2.02 -5.90
C GLN B 22 17.21 0.90 -4.90
N GLY B 23 17.66 -0.25 -5.42
CA GLY B 23 17.93 -1.39 -4.57
C GLY B 23 18.67 -2.46 -5.34
N ASP B 24 19.40 -3.29 -4.59
CA ASP B 24 20.21 -4.33 -5.22
C ASP B 24 19.34 -5.41 -5.87
N SER B 25 18.21 -5.73 -5.24
CA SER B 25 17.36 -6.80 -5.77
C SER B 25 16.64 -6.40 -7.06
N LEU B 26 16.59 -5.10 -7.37
CA LEU B 26 15.96 -4.64 -8.59
C LEU B 26 16.70 -5.10 -9.84
N ARG B 27 17.95 -5.54 -9.71
CA ARG B 27 18.66 -6.12 -10.84
C ARG B 27 18.14 -7.51 -11.21
N SER B 28 17.29 -8.11 -10.37
CA SER B 28 16.74 -9.43 -10.63
C SER B 28 15.23 -9.47 -10.68
N TYR B 29 14.53 -8.54 -10.04
CA TYR B 29 13.09 -8.55 -9.95
C TYR B 29 12.52 -7.18 -10.26
N TYR B 30 11.29 -7.17 -10.77
CA TYR B 30 10.59 -5.92 -11.01
C TYR B 30 10.02 -5.37 -9.70
N ALA B 31 9.52 -4.14 -9.76
CA ALA B 31 8.98 -3.47 -8.58
C ALA B 31 7.58 -2.99 -8.88
N SER B 32 6.69 -3.13 -7.90
CA SER B 32 5.35 -2.58 -7.97
C SER B 32 5.31 -1.23 -7.27
N TRP B 33 4.27 -0.45 -7.59
CA TRP B 33 4.11 0.90 -7.05
C TRP B 33 2.74 1.05 -6.43
N TYR B 34 2.69 1.73 -5.27
CA TYR B 34 1.46 1.87 -4.50
C TYR B 34 1.29 3.34 -4.14
N GLN B 35 0.07 3.85 -4.34
CA GLN B 35 -0.27 5.23 -4.05
C GLN B 35 -1.16 5.25 -2.80
N GLN B 36 -0.78 6.09 -1.83
CA GLN B 36 -1.52 6.20 -0.57
C GLN B 36 -1.92 7.65 -0.36
N LYS B 37 -3.20 7.93 -0.43
CA LYS B 37 -3.74 9.24 -0.10
C LYS B 37 -3.91 9.36 1.42
N PRO B 38 -3.95 10.59 1.95
CA PRO B 38 -4.04 10.76 3.41
C PRO B 38 -5.31 10.15 3.96
N GLY B 39 -5.16 9.37 5.04
CA GLY B 39 -6.29 8.74 5.68
C GLY B 39 -6.92 7.61 4.89
N GLN B 40 -6.27 7.15 3.82
CA GLN B 40 -6.78 6.07 3.00
C GLN B 40 -5.80 4.91 2.99
N ALA B 41 -6.33 3.71 2.72
CA ALA B 41 -5.49 2.56 2.50
C ALA B 41 -4.75 2.70 1.17
N PRO B 42 -3.61 2.04 1.01
CA PRO B 42 -2.87 2.13 -0.25
C PRO B 42 -3.65 1.48 -1.40
N VAL B 43 -3.24 1.80 -2.62
CA VAL B 43 -3.83 1.24 -3.83
C VAL B 43 -2.74 1.00 -4.85
N LEU B 44 -2.88 -0.07 -5.63
CA LEU B 44 -1.88 -0.46 -6.62
C LEU B 44 -2.00 0.41 -7.86
N VAL B 45 -0.85 0.78 -8.42
CA VAL B 45 -0.76 1.67 -9.57
C VAL B 45 -0.06 1.00 -10.75
N ILE B 46 1.16 0.51 -10.53
CA ILE B 46 1.95 -0.14 -11.57
C ILE B 46 2.59 -1.38 -10.96
N TYR B 47 2.51 -2.49 -11.67
CA TYR B 47 3.16 -3.72 -11.22
C TYR B 47 3.76 -4.45 -12.41
N GLY B 48 4.79 -5.25 -12.15
CA GLY B 48 5.40 -6.05 -13.19
C GLY B 48 6.08 -5.20 -14.25
N LYS B 49 5.90 -5.61 -15.51
CA LYS B 49 6.47 -4.89 -16.65
C LYS B 49 5.41 -3.95 -17.20
N ASN B 50 5.24 -2.80 -16.51
CA ASN B 50 4.31 -1.75 -16.93
C ASN B 50 2.87 -2.27 -17.03
N ASN B 51 2.48 -3.11 -16.08
CA ASN B 51 1.09 -3.56 -16.00
C ASN B 51 0.32 -2.60 -15.10
N ARG B 52 -0.89 -2.25 -15.54
CA ARG B 52 -1.70 -1.25 -14.88
C ARG B 52 -3.09 -1.80 -14.64
N PRO B 53 -3.58 -1.76 -13.40
CA PRO B 53 -4.92 -2.27 -13.10
C PRO B 53 -6.00 -1.43 -13.76
N SER B 54 -7.19 -2.03 -13.85
CA SER B 54 -8.33 -1.33 -14.43
C SER B 54 -8.79 -0.21 -13.50
N GLY B 55 -9.05 0.96 -14.07
CA GLY B 55 -9.43 2.13 -13.32
C GLY B 55 -8.28 3.06 -12.97
N ILE B 56 -7.07 2.76 -13.45
CA ILE B 56 -5.90 3.59 -13.19
C ILE B 56 -5.58 4.37 -14.45
N PRO B 57 -5.42 5.69 -14.38
CA PRO B 57 -5.18 6.48 -15.61
C PRO B 57 -3.93 6.01 -16.34
N ASP B 58 -3.93 6.22 -17.66
CA ASP B 58 -2.84 5.80 -18.52
C ASP B 58 -1.63 6.72 -18.42
N ARG B 59 -1.71 7.81 -17.65
CA ARG B 59 -0.54 8.65 -17.41
C ARG B 59 0.44 7.99 -16.45
N PHE B 60 0.01 6.97 -15.71
CA PHE B 60 0.90 6.21 -14.85
C PHE B 60 1.62 5.13 -15.68
N SER B 61 2.93 5.01 -15.47
CA SER B 61 3.72 4.05 -16.21
C SER B 61 5.01 3.77 -15.46
N GLY B 62 5.39 2.50 -15.40
CA GLY B 62 6.61 2.10 -14.72
C GLY B 62 7.73 1.74 -15.67
N SER B 63 8.97 1.74 -15.17
CA SER B 63 10.13 1.36 -15.97
C SER B 63 11.18 0.77 -15.04
N SER B 64 12.32 0.41 -15.63
CA SER B 64 13.40 -0.20 -14.86
C SER B 64 14.72 0.02 -15.60
N SER B 65 15.80 0.15 -14.83
CA SER B 65 17.12 0.36 -15.41
C SER B 65 18.15 -0.04 -14.36
N GLY B 66 18.90 -1.12 -14.64
CA GLY B 66 19.92 -1.59 -13.74
C GLY B 66 19.40 -1.99 -12.38
N ASN B 67 19.75 -1.22 -11.35
CA ASN B 67 19.26 -1.45 -9.99
C ASN B 67 18.24 -0.41 -9.57
N THR B 68 17.61 0.27 -10.52
CA THR B 68 16.62 1.30 -10.23
C THR B 68 15.31 0.99 -10.93
N ALA B 69 14.22 1.39 -10.29
CA ALA B 69 12.88 1.35 -10.88
C ALA B 69 12.29 2.75 -10.82
N SER B 70 11.42 3.05 -11.78
CA SER B 70 10.87 4.40 -11.92
C SER B 70 9.36 4.36 -12.13
N LEU B 71 8.67 5.32 -11.52
CA LEU B 71 7.24 5.55 -11.77
C LEU B 71 7.10 6.94 -12.39
N THR B 72 6.54 7.01 -13.59
CA THR B 72 6.43 8.25 -14.33
C THR B 72 4.95 8.63 -14.48
N ILE B 73 4.61 9.84 -14.04
CA ILE B 73 3.29 10.41 -14.24
C ILE B 73 3.45 11.49 -15.30
N THR B 74 2.82 11.29 -16.46
CA THR B 74 2.87 12.24 -17.55
C THR B 74 1.71 13.21 -17.42
N GLY B 75 2.04 14.49 -17.22
CA GLY B 75 1.01 15.48 -16.96
C GLY B 75 0.32 15.23 -15.64
N ALA B 76 0.95 15.66 -14.55
CA ALA B 76 0.44 15.37 -13.22
C ALA B 76 -0.83 16.16 -12.93
N GLN B 77 -1.80 15.50 -12.30
CA GLN B 77 -3.05 16.12 -11.88
C GLN B 77 -3.05 16.31 -10.38
N ALA B 78 -4.04 17.08 -9.90
CA ALA B 78 -4.16 17.31 -8.47
C ALA B 78 -4.48 16.02 -7.72
N GLU B 79 -5.20 15.10 -8.35
CA GLU B 79 -5.57 13.86 -7.70
C GLU B 79 -4.39 12.92 -7.50
N ASP B 80 -3.27 13.16 -8.18
CA ASP B 80 -2.10 12.30 -8.05
C ASP B 80 -1.21 12.70 -6.87
N GLU B 81 -1.53 13.79 -6.17
CA GLU B 81 -0.75 14.21 -5.02
C GLU B 81 -1.01 13.24 -3.86
N ALA B 82 -0.01 12.43 -3.53
CA ALA B 82 -0.13 11.41 -2.49
C ALA B 82 1.28 10.91 -2.16
N ASP B 83 1.35 9.84 -1.37
CA ASP B 83 2.60 9.17 -1.06
C ASP B 83 2.73 7.91 -1.91
N TYR B 84 3.94 7.65 -2.40
CA TYR B 84 4.21 6.56 -3.32
C TYR B 84 5.27 5.63 -2.74
N TYR B 85 5.01 4.33 -2.80
CA TYR B 85 5.92 3.32 -2.27
C TYR B 85 6.24 2.29 -3.34
N CYS B 86 7.50 1.89 -3.41
CA CYS B 86 7.91 0.78 -4.24
C CYS B 86 8.05 -0.48 -3.39
N SER B 87 7.77 -1.63 -3.99
CA SER B 87 7.86 -2.91 -3.31
C SER B 87 8.54 -3.91 -4.24
N SER B 88 9.43 -4.71 -3.67
CA SER B 88 10.17 -5.72 -4.42
C SER B 88 10.80 -6.67 -3.41
N ARG B 89 11.51 -7.67 -3.93
CA ARG B 89 12.23 -8.61 -3.08
C ARG B 89 13.35 -7.90 -2.32
N ASP B 90 13.74 -8.49 -1.19
CA ASP B 90 14.81 -7.90 -0.39
C ASP B 90 16.18 -8.17 -1.01
N LYS B 91 16.42 -9.41 -1.43
CA LYS B 91 17.65 -9.76 -2.14
C LYS B 91 17.31 -10.79 -3.20
N SER B 92 18.31 -11.12 -4.02
CA SER B 92 18.11 -12.10 -5.09
C SER B 92 17.89 -13.49 -4.51
N GLY B 93 16.92 -14.21 -5.08
CA GLY B 93 16.61 -15.55 -4.66
C GLY B 93 15.66 -15.66 -3.49
N SER B 94 15.19 -14.54 -2.95
CA SER B 94 14.34 -14.57 -1.76
C SER B 94 12.88 -14.70 -2.15
N ARG B 95 12.08 -15.11 -1.15
CA ARG B 95 10.63 -15.14 -1.24
C ARG B 95 9.97 -14.16 -0.28
N LEU B 96 10.74 -13.19 0.23
CA LEU B 96 10.23 -12.14 1.08
C LEU B 96 10.03 -10.86 0.29
N SER B 97 9.18 -9.99 0.83
CA SER B 97 8.87 -8.70 0.21
C SER B 97 9.35 -7.56 1.10
N VAL B 98 9.66 -6.43 0.46
CA VAL B 98 10.21 -5.27 1.14
C VAL B 98 9.69 -4.01 0.45
N PHE B 99 9.23 -3.04 1.23
CA PHE B 99 8.77 -1.77 0.68
C PHE B 99 9.89 -0.73 0.71
N GLY B 100 9.74 0.27 -0.16
CA GLY B 100 10.67 1.38 -0.16
C GLY B 100 10.35 2.39 0.93
N GLY B 101 11.26 3.35 1.08
CA GLY B 101 11.08 4.35 2.12
C GLY B 101 9.84 5.21 1.92
N GLY B 102 9.40 5.36 0.69
CA GLY B 102 8.25 6.19 0.40
C GLY B 102 8.65 7.55 -0.13
N THR B 103 7.79 8.11 -0.99
CA THR B 103 8.01 9.40 -1.62
C THR B 103 6.75 10.24 -1.50
N LYS B 104 6.89 11.46 -1.00
CA LYS B 104 5.77 12.38 -0.89
C LYS B 104 5.71 13.25 -2.14
N LEU B 105 4.71 12.99 -2.99
CA LEU B 105 4.52 13.78 -4.20
C LEU B 105 3.67 15.00 -3.88
N THR B 106 4.18 16.17 -4.23
CA THR B 106 3.47 17.44 -4.05
C THR B 106 3.15 18.01 -5.42
N VAL B 107 1.87 18.05 -5.77
CA VAL B 107 1.40 18.59 -7.03
C VAL B 107 0.97 20.03 -6.77
N LEU B 108 1.81 20.99 -7.13
CA LEU B 108 1.47 22.40 -7.05
C LEU B 108 0.29 22.69 -7.98
N SER B 109 -0.93 22.66 -7.41
CA SER B 109 -2.14 22.53 -8.21
C SER B 109 -2.97 23.80 -8.31
N GLN B 110 -2.75 24.78 -7.44
CA GLN B 110 -3.64 25.94 -7.38
C GLN B 110 -2.86 27.10 -6.77
N PRO B 111 -3.38 28.32 -6.85
CA PRO B 111 -2.54 29.51 -6.58
C PRO B 111 -2.14 29.64 -5.13
N LYS B 112 -1.14 30.50 -4.92
CA LYS B 112 -0.60 30.74 -3.59
C LYS B 112 -1.58 31.54 -2.74
N ALA B 113 -1.53 31.31 -1.43
CA ALA B 113 -2.41 31.98 -0.49
C ALA B 113 -1.67 32.22 0.81
N ALA B 114 -1.89 33.40 1.40
CA ALA B 114 -1.29 33.70 2.69
C ALA B 114 -2.07 32.99 3.80
N PRO B 115 -1.38 32.55 4.86
CA PRO B 115 -2.06 31.79 5.92
C PRO B 115 -2.86 32.70 6.84
N SER B 116 -4.03 32.21 7.25
CA SER B 116 -4.82 32.86 8.28
C SER B 116 -4.49 32.23 9.63
N VAL B 117 -4.15 33.06 10.61
CA VAL B 117 -3.64 32.59 11.90
C VAL B 117 -4.60 33.02 12.99
N THR B 118 -4.94 32.07 13.86
CA THR B 118 -5.77 32.32 15.04
C THR B 118 -5.08 31.70 16.26
N LEU B 119 -4.92 32.49 17.32
CA LEU B 119 -4.23 32.06 18.52
C LEU B 119 -5.23 32.03 19.67
N PHE B 120 -5.38 30.85 20.29
CA PHE B 120 -6.32 30.68 21.41
C PHE B 120 -5.56 30.64 22.72
N PRO B 121 -5.80 31.58 23.63
CA PRO B 121 -5.19 31.50 24.96
C PRO B 121 -5.76 30.33 25.74
N PRO B 122 -5.16 29.97 26.87
CA PRO B 122 -5.75 28.91 27.70
C PRO B 122 -7.12 29.32 28.19
N SER B 123 -8.08 28.39 28.10
CA SER B 123 -9.41 28.65 28.59
C SER B 123 -9.39 28.78 30.12
N SER B 124 -10.42 29.44 30.64
CA SER B 124 -10.54 29.55 32.10
C SER B 124 -10.70 28.18 32.74
N GLU B 125 -11.48 27.30 32.09
CA GLU B 125 -11.67 25.95 32.62
C GLU B 125 -10.37 25.17 32.68
N GLU B 126 -9.48 25.37 31.70
CA GLU B 126 -8.21 24.65 31.71
C GLU B 126 -7.28 25.18 32.79
N LEU B 127 -7.22 26.50 32.95
CA LEU B 127 -6.42 27.08 34.03
C LEU B 127 -6.94 26.66 35.39
N GLN B 128 -8.26 26.49 35.54
CA GLN B 128 -8.83 25.97 36.77
C GLN B 128 -8.56 24.49 36.96
N ALA B 129 -8.00 23.81 35.96
CA ALA B 129 -7.55 22.43 36.08
C ALA B 129 -6.03 22.34 36.17
N ASN B 130 -5.37 23.44 36.54
CA ASN B 130 -3.91 23.48 36.71
C ASN B 130 -3.17 23.12 35.43
N LYS B 131 -3.68 23.59 34.29
CA LYS B 131 -3.05 23.39 33.01
C LYS B 131 -3.19 24.65 32.17
N ALA B 132 -2.31 24.79 31.19
CA ALA B 132 -2.33 25.93 30.29
C ALA B 132 -1.79 25.50 28.94
N THR B 133 -2.58 25.71 27.88
CA THR B 133 -2.20 25.32 26.53
C THR B 133 -2.60 26.41 25.55
N LEU B 134 -1.62 26.91 24.80
CA LEU B 134 -1.88 27.83 23.70
C LEU B 134 -2.11 27.04 22.43
N VAL B 135 -3.19 27.34 21.72
CA VAL B 135 -3.56 26.64 20.50
C VAL B 135 -3.52 27.63 19.35
N CYS B 136 -2.59 27.42 18.42
CA CYS B 136 -2.38 28.30 17.27
C CYS B 136 -2.85 27.57 16.01
N LEU B 137 -3.83 28.16 15.32
CA LEU B 137 -4.43 27.56 14.14
C LEU B 137 -3.98 28.31 12.88
N ILE B 138 -3.44 27.56 11.92
CA ILE B 138 -2.96 28.10 10.66
C ILE B 138 -3.76 27.43 9.55
N SER B 139 -4.49 28.22 8.76
CA SER B 139 -5.40 27.68 7.76
C SER B 139 -5.38 28.52 6.49
N ASP B 140 -5.87 27.93 5.41
CA ASP B 140 -6.12 28.61 4.14
C ASP B 140 -4.83 29.17 3.54
N PHE B 141 -3.83 28.31 3.40
CA PHE B 141 -2.57 28.70 2.80
C PHE B 141 -2.15 27.66 1.76
N TYR B 142 -1.33 28.12 0.82
CA TYR B 142 -0.81 27.31 -0.27
C TYR B 142 0.46 27.96 -0.80
N PRO B 143 1.56 27.22 -0.96
CA PRO B 143 1.74 25.79 -0.66
C PRO B 143 1.90 25.52 0.84
N GLY B 144 2.04 24.26 1.24
CA GLY B 144 2.09 23.91 2.65
C GLY B 144 3.49 23.75 3.20
N ALA B 145 4.31 24.79 3.04
CA ALA B 145 5.68 24.82 3.55
C ALA B 145 5.76 26.02 4.48
N VAL B 146 5.39 25.82 5.74
CA VAL B 146 5.41 26.89 6.73
C VAL B 146 6.35 26.49 7.86
N THR B 147 6.75 27.48 8.65
CA THR B 147 7.51 27.27 9.87
C THR B 147 6.83 28.06 10.99
N VAL B 148 6.64 27.43 12.14
CA VAL B 148 5.94 28.02 13.25
C VAL B 148 6.94 28.31 14.36
N ALA B 149 6.87 29.52 14.92
CA ALA B 149 7.70 29.92 16.05
C ALA B 149 6.83 30.52 17.15
N TRP B 150 7.24 30.29 18.39
CA TRP B 150 6.55 30.81 19.55
C TRP B 150 7.44 31.77 20.31
N LYS B 151 6.80 32.72 21.00
CA LYS B 151 7.53 33.74 21.73
C LYS B 151 6.90 33.94 23.11
N ALA B 152 7.72 33.87 24.15
CA ALA B 152 7.36 34.37 25.47
C ALA B 152 7.85 35.81 25.54
N ASP B 153 6.90 36.75 25.52
CA ASP B 153 7.20 38.17 25.32
C ASP B 153 7.91 38.36 23.99
N SER B 154 9.21 38.63 24.03
CA SER B 154 10.00 38.81 22.82
C SER B 154 11.04 37.71 22.61
N SER B 155 11.16 36.78 23.54
CA SER B 155 12.13 35.69 23.44
C SER B 155 11.47 34.41 22.96
N PRO B 156 12.12 33.67 22.06
CA PRO B 156 11.50 32.46 21.51
C PRO B 156 11.52 31.30 22.48
N VAL B 157 10.64 30.34 22.22
CA VAL B 157 10.58 29.08 22.97
C VAL B 157 10.32 27.94 21.99
N LYS B 158 11.02 26.83 22.19
CA LYS B 158 10.80 25.60 21.43
C LYS B 158 10.42 24.41 22.29
N ALA B 159 10.78 24.41 23.57
CA ALA B 159 10.36 23.35 24.47
C ALA B 159 8.86 23.47 24.74
N GLY B 160 8.22 22.32 24.92
CA GLY B 160 6.79 22.29 25.07
C GLY B 160 6.01 22.66 23.84
N VAL B 161 6.66 22.69 22.68
CA VAL B 161 6.03 23.06 21.41
C VAL B 161 5.95 21.82 20.54
N GLU B 162 4.78 21.60 19.95
CA GLU B 162 4.56 20.52 18.99
C GLU B 162 3.64 21.01 17.90
N THR B 163 3.98 20.72 16.64
CA THR B 163 3.26 21.24 15.48
C THR B 163 2.93 20.10 14.52
N THR B 164 1.68 20.00 14.12
CA THR B 164 1.26 18.99 13.15
C THR B 164 1.66 19.41 11.75
N THR B 165 2.03 18.42 10.92
CA THR B 165 2.40 18.73 9.55
C THR B 165 1.17 19.19 8.77
N PRO B 166 1.33 20.16 7.87
CA PRO B 166 0.15 20.72 7.18
C PRO B 166 -0.61 19.68 6.38
N SER B 167 -1.93 19.72 6.51
CA SER B 167 -2.82 18.78 5.85
C SER B 167 -3.86 19.55 5.05
N LYS B 168 -4.36 18.92 4.00
CA LYS B 168 -5.34 19.56 3.14
C LYS B 168 -6.72 19.58 3.80
N GLN B 169 -7.44 20.67 3.62
CA GLN B 169 -8.79 20.81 4.12
C GLN B 169 -9.79 20.54 2.98
N SER B 170 -11.07 20.81 3.24
CA SER B 170 -12.10 20.50 2.26
C SER B 170 -12.00 21.38 1.01
N ASN B 171 -11.57 22.64 1.17
CA ASN B 171 -11.40 23.55 0.05
C ASN B 171 -10.07 23.38 -0.68
N ASN B 172 -9.40 22.23 -0.50
CA ASN B 172 -8.14 21.89 -1.16
C ASN B 172 -7.02 22.88 -0.88
N LYS B 173 -7.13 23.64 0.20
CA LYS B 173 -6.01 24.40 0.72
C LYS B 173 -5.39 23.61 1.88
N TYR B 174 -4.36 24.19 2.50
CA TYR B 174 -3.64 23.50 3.56
C TYR B 174 -3.94 24.14 4.91
N ALA B 175 -3.84 23.33 5.96
CA ALA B 175 -4.08 23.78 7.33
C ALA B 175 -3.15 23.04 8.27
N ALA B 176 -2.79 23.70 9.37
CA ALA B 176 -1.92 23.09 10.37
C ALA B 176 -2.21 23.70 11.73
N SER B 177 -1.64 23.10 12.76
CA SER B 177 -1.86 23.54 14.13
C SER B 177 -0.59 23.33 14.95
N SER B 178 -0.36 24.25 15.89
CA SER B 178 0.78 24.19 16.79
CA SER B 178 0.78 24.19 16.79
C SER B 178 0.32 24.47 18.21
N TYR B 179 0.93 23.79 19.18
CA TYR B 179 0.54 23.90 20.57
C TYR B 179 1.73 24.31 21.43
N LEU B 180 1.47 25.15 22.42
CA LEU B 180 2.45 25.49 23.44
C LEU B 180 1.86 25.14 24.80
N SER B 181 2.51 24.19 25.50
CA SER B 181 2.07 23.78 26.82
C SER B 181 2.78 24.61 27.88
N LEU B 182 2.01 25.26 28.74
CA LEU B 182 2.54 26.09 29.81
C LEU B 182 1.95 25.64 31.15
N THR B 183 2.55 26.12 32.22
CA THR B 183 1.93 26.04 33.53
C THR B 183 1.12 27.32 33.78
N PRO B 184 0.10 27.24 34.63
CA PRO B 184 -0.67 28.46 34.93
C PRO B 184 0.20 29.59 35.47
N GLU B 185 1.28 29.28 36.19
CA GLU B 185 2.17 30.32 36.67
C GLU B 185 2.93 30.97 35.51
N GLN B 186 3.42 30.16 34.56
CA GLN B 186 4.08 30.72 33.38
C GLN B 186 3.14 31.63 32.60
N TRP B 187 1.87 31.25 32.50
CA TRP B 187 0.90 32.08 31.79
C TRP B 187 0.71 33.43 32.47
N LYS B 188 0.74 33.47 33.80
CA LYS B 188 0.46 34.72 34.49
C LYS B 188 1.68 35.62 34.63
N SER B 189 2.87 35.10 34.38
CA SER B 189 4.11 35.80 34.71
C SER B 189 4.73 36.53 33.52
N HIS B 190 4.14 36.44 32.34
CA HIS B 190 4.67 37.10 31.15
C HIS B 190 3.66 38.10 30.61
N ARG B 191 4.19 39.12 29.92
CA ARG B 191 3.33 40.18 29.37
C ARG B 191 2.49 39.66 28.22
N SER B 192 3.05 38.81 27.36
CA SER B 192 2.32 38.31 26.22
C SER B 192 3.01 37.07 25.67
N TYR B 193 2.25 36.31 24.88
CA TYR B 193 2.77 35.18 24.12
C TYR B 193 2.39 35.35 22.66
N SER B 194 3.29 34.92 21.76
CA SER B 194 3.12 35.15 20.33
C SER B 194 3.32 33.86 19.55
N CYS B 195 2.57 33.74 18.45
CA CYS B 195 2.69 32.63 17.51
C CYS B 195 3.05 33.21 16.15
N GLN B 196 4.30 33.01 15.73
CA GLN B 196 4.80 33.49 14.45
C GLN B 196 4.70 32.38 13.41
N VAL B 197 4.11 32.71 12.26
CA VAL B 197 3.98 31.78 11.14
C VAL B 197 4.68 32.40 9.94
N THR B 198 5.63 31.68 9.35
CA THR B 198 6.38 32.16 8.19
C THR B 198 5.98 31.33 6.97
N HIS B 199 5.50 32.00 5.93
CA HIS B 199 5.07 31.34 4.69
C HIS B 199 5.64 32.11 3.51
N GLU B 200 6.70 31.57 2.89
CA GLU B 200 7.30 32.12 1.69
C GLU B 200 7.77 33.57 1.90
N GLY B 201 8.64 33.74 2.89
CA GLY B 201 9.19 35.05 3.18
C GLY B 201 8.27 36.03 3.87
N SER B 202 7.02 35.65 4.13
CA SER B 202 6.04 36.53 4.76
C SER B 202 5.66 35.94 6.12
N THR B 203 5.87 36.73 7.18
CA THR B 203 5.64 36.28 8.53
C THR B 203 4.38 36.94 9.10
N VAL B 204 3.53 36.13 9.73
CA VAL B 204 2.33 36.60 10.41
C VAL B 204 2.45 36.22 11.88
N GLU B 205 2.22 37.18 12.77
CA GLU B 205 2.37 36.97 14.20
C GLU B 205 1.08 37.34 14.90
N LYS B 206 0.49 36.38 15.60
CA LYS B 206 -0.62 36.61 16.52
C LYS B 206 -0.11 36.60 17.96
N THR B 207 -0.72 37.44 18.79
CA THR B 207 -0.24 37.62 20.16
C THR B 207 -1.43 37.61 21.12
N VAL B 208 -1.29 36.88 22.23
CA VAL B 208 -2.26 36.89 23.31
C VAL B 208 -1.57 37.33 24.59
N ALA B 209 -2.37 37.84 25.52
CA ALA B 209 -1.87 38.38 26.78
C ALA B 209 -2.77 37.88 27.91
N PRO B 210 -2.19 37.67 29.10
CA PRO B 210 -3.02 37.24 30.23
C PRO B 210 -4.02 38.29 30.67
N THR B 211 -3.67 39.57 30.55
CA THR B 211 -4.57 40.67 30.91
C THR B 211 -5.49 41.06 29.77
N GLU B 212 -6.04 40.08 29.05
CA GLU B 212 -6.92 40.36 27.92
C GLU B 212 -7.87 39.19 27.67
N MET C 1 8.07 -28.88 -6.62
CA MET C 1 9.19 -29.71 -7.07
C MET C 1 8.84 -31.19 -6.99
N GLN C 2 7.55 -31.49 -7.02
CA GLN C 2 7.07 -32.87 -6.84
C GLN C 2 7.21 -33.73 -8.09
N GLY C 3 8.33 -33.58 -8.82
CA GLY C 3 8.62 -34.44 -9.95
C GLY C 3 7.80 -34.14 -11.18
N ILE C 4 8.48 -34.00 -12.32
CA ILE C 4 7.81 -33.77 -13.60
C ILE C 4 7.65 -35.13 -14.27
N HIS C 5 6.43 -35.64 -14.25
CA HIS C 5 6.14 -36.97 -14.78
C HIS C 5 6.20 -36.95 -16.31
N PHE C 6 6.88 -37.94 -16.89
CA PHE C 6 7.09 -38.02 -18.33
C PHE C 6 6.86 -39.46 -18.77
N ARG C 7 6.19 -39.62 -19.91
CA ARG C 7 5.96 -40.93 -20.51
C ARG C 7 6.36 -40.90 -21.97
N ARG C 8 6.26 -42.05 -22.63
CA ARG C 8 6.61 -42.14 -24.05
C ARG C 8 5.56 -41.47 -24.91
N HIS C 9 4.28 -41.79 -24.68
CA HIS C 9 3.18 -41.22 -25.46
C HIS C 9 2.91 -39.76 -25.13
N TYR C 10 3.77 -39.08 -24.38
CA TYR C 10 3.67 -37.65 -24.18
C TYR C 10 4.42 -36.88 -25.25
N VAL C 11 4.95 -37.57 -26.25
CA VAL C 11 5.62 -36.96 -27.40
C VAL C 11 5.00 -37.54 -28.65
N ARG C 12 4.58 -36.67 -29.57
CA ARG C 12 3.98 -37.12 -30.82
C ARG C 12 4.19 -36.05 -31.89
N HIS C 13 4.22 -36.49 -33.14
CA HIS C 13 4.30 -35.58 -34.27
C HIS C 13 2.89 -35.23 -34.74
N LEU C 14 2.69 -33.95 -35.07
CA LEU C 14 1.37 -33.56 -35.51
C LEU C 14 1.34 -33.40 -37.03
N PRO C 15 0.18 -33.64 -37.65
CA PRO C 15 0.09 -33.49 -39.12
C PRO C 15 0.22 -32.04 -39.58
N LYS C 16 -0.17 -31.79 -40.82
CA LYS C 16 -0.06 -30.46 -41.43
C LYS C 16 -1.36 -29.67 -41.42
N GLU C 17 -2.47 -30.29 -41.02
CA GLU C 17 -3.78 -29.63 -41.02
C GLU C 17 -4.16 -29.10 -39.64
N VAL C 18 -3.17 -28.79 -38.80
CA VAL C 18 -3.41 -28.40 -37.42
C VAL C 18 -3.41 -26.88 -37.32
N SER C 19 -4.39 -26.35 -36.59
CA SER C 19 -4.41 -24.96 -36.18
C SER C 19 -4.13 -24.90 -34.68
N GLN C 20 -4.26 -23.69 -34.11
CA GLN C 20 -3.86 -23.48 -32.72
C GLN C 20 -4.70 -24.35 -31.77
N ASN C 21 -5.98 -24.52 -32.07
CA ASN C 21 -6.83 -25.36 -31.21
C ASN C 21 -6.53 -26.85 -31.42
N ASP C 22 -6.22 -27.23 -32.66
CA ASP C 22 -5.90 -28.64 -32.94
C ASP C 22 -4.67 -29.08 -32.17
N ILE C 23 -3.67 -28.22 -32.08
CA ILE C 23 -2.45 -28.56 -31.34
C ILE C 23 -2.77 -28.80 -29.87
N ILE C 24 -3.46 -27.83 -29.24
CA ILE C 24 -3.71 -27.91 -27.79
C ILE C 24 -4.50 -29.17 -27.44
N LYS C 25 -5.41 -29.58 -28.32
CA LYS C 25 -6.11 -30.86 -28.16
C LYS C 25 -5.12 -32.02 -28.10
N ALA C 26 -4.36 -32.21 -29.18
CA ALA C 26 -3.54 -33.42 -29.33
C ALA C 26 -2.52 -33.54 -28.21
N LEU C 27 -1.93 -32.41 -27.79
CA LEU C 27 -0.90 -32.44 -26.75
C LEU C 27 -1.49 -32.66 -25.37
N ALA C 28 -2.66 -32.07 -25.08
CA ALA C 28 -3.26 -32.26 -23.77
C ALA C 28 -3.77 -33.69 -23.59
N SER C 29 -4.33 -34.27 -24.65
CA SER C 29 -5.07 -35.54 -24.58
C SER C 29 -4.40 -36.62 -23.75
N PRO C 30 -3.10 -36.91 -23.87
CA PRO C 30 -2.50 -37.93 -22.97
C PRO C 30 -2.46 -37.50 -21.51
N LEU C 31 -2.50 -36.20 -21.22
CA LEU C 31 -2.41 -35.74 -19.85
C LEU C 31 -3.73 -35.94 -19.10
N ILE C 32 -4.86 -35.74 -19.77
CA ILE C 32 -6.15 -36.01 -19.14
C ILE C 32 -6.40 -37.50 -19.02
N ASN C 33 -5.79 -38.31 -19.89
CA ASN C 33 -5.99 -39.75 -19.81
C ASN C 33 -5.33 -40.33 -18.55
N ASP C 34 -4.19 -39.78 -18.15
CA ASP C 34 -3.45 -40.25 -16.99
C ASP C 34 -3.79 -39.49 -15.71
N GLY C 35 -4.90 -38.76 -15.69
CA GLY C 35 -5.29 -38.04 -14.50
C GLY C 35 -4.36 -36.93 -14.07
N MET C 36 -3.55 -36.42 -14.99
CA MET C 36 -2.62 -35.35 -14.64
C MET C 36 -3.34 -34.04 -14.43
N VAL C 37 -4.35 -33.78 -15.26
CA VAL C 37 -5.01 -32.49 -15.36
C VAL C 37 -6.51 -32.71 -15.32
N VAL C 38 -7.25 -31.62 -15.20
CA VAL C 38 -8.72 -31.69 -15.18
C VAL C 38 -9.23 -32.09 -16.55
N SER C 39 -10.53 -32.39 -16.63
CA SER C 39 -11.12 -32.85 -17.88
C SER C 39 -11.06 -31.77 -18.95
N ASP C 40 -11.48 -30.56 -18.61
CA ASP C 40 -11.47 -29.43 -19.54
C ASP C 40 -10.16 -28.64 -19.48
N PHE C 41 -9.03 -29.34 -19.45
CA PHE C 41 -7.73 -28.68 -19.40
C PHE C 41 -7.43 -27.92 -20.68
N ALA C 42 -7.86 -28.46 -21.83
CA ALA C 42 -7.66 -27.76 -23.10
C ALA C 42 -8.41 -26.43 -23.11
N ASP C 43 -9.56 -26.35 -22.44
CA ASP C 43 -10.29 -25.09 -22.37
C ASP C 43 -9.48 -24.01 -21.66
N HIS C 44 -8.91 -24.36 -20.50
CA HIS C 44 -8.19 -23.36 -19.72
C HIS C 44 -6.85 -22.99 -20.36
N VAL C 45 -6.27 -23.90 -21.15
CA VAL C 45 -5.05 -23.57 -21.89
C VAL C 45 -5.38 -22.63 -23.04
N ILE C 46 -6.48 -22.90 -23.75
CA ILE C 46 -6.91 -22.04 -24.85
C ILE C 46 -7.30 -20.66 -24.33
N THR C 47 -7.94 -20.60 -23.16
CA THR C 47 -8.35 -19.32 -22.61
C THR C 47 -7.14 -18.45 -22.27
N ARG C 48 -6.07 -19.06 -21.73
CA ARG C 48 -4.90 -18.27 -21.38
C ARG C 48 -4.10 -17.88 -22.61
N GLU C 49 -4.11 -18.70 -23.66
CA GLU C 49 -3.48 -18.31 -24.92
C GLU C 49 -4.18 -17.12 -25.57
N GLN C 50 -5.45 -16.88 -25.27
CA GLN C 50 -6.12 -15.71 -25.82
C GLN C 50 -5.72 -14.45 -25.07
N ASN C 51 -5.47 -14.56 -23.78
CA ASN C 51 -5.11 -13.40 -22.96
C ASN C 51 -3.61 -13.19 -22.88
N PHE C 52 -2.83 -14.26 -22.83
CA PHE C 52 -1.38 -14.19 -22.70
C PHE C 52 -0.75 -15.14 -23.71
N PRO C 53 -0.52 -14.67 -24.94
CA PRO C 53 0.06 -15.55 -25.97
C PRO C 53 1.44 -16.03 -25.55
N THR C 54 1.80 -17.21 -26.05
CA THR C 54 3.05 -17.86 -25.69
C THR C 54 3.94 -18.10 -26.91
N GLY C 55 3.76 -17.31 -27.95
CA GLY C 55 4.61 -17.44 -29.12
C GLY C 55 6.00 -16.86 -28.84
N LEU C 56 7.03 -17.63 -29.16
CA LEU C 56 8.41 -17.23 -28.90
C LEU C 56 9.19 -17.14 -30.20
N PRO C 57 9.54 -15.94 -30.68
CA PRO C 57 10.27 -15.80 -31.95
C PRO C 57 11.75 -16.16 -31.82
N VAL C 58 12.00 -17.41 -31.44
CA VAL C 58 13.37 -17.88 -31.25
C VAL C 58 13.93 -18.34 -32.60
N GLU C 59 15.25 -18.34 -32.70
CA GLU C 59 15.99 -18.76 -33.89
C GLU C 59 16.30 -20.25 -33.82
N PRO C 60 16.19 -20.95 -34.95
CA PRO C 60 15.72 -20.49 -36.26
C PRO C 60 14.21 -20.65 -36.39
N VAL C 61 13.64 -21.51 -35.55
CA VAL C 61 12.22 -21.83 -35.58
C VAL C 61 11.58 -21.33 -34.29
N GLY C 62 10.43 -20.68 -34.43
CA GLY C 62 9.70 -20.23 -33.27
C GLY C 62 9.08 -21.38 -32.50
N VAL C 63 8.78 -21.12 -31.23
CA VAL C 63 8.21 -22.12 -30.34
C VAL C 63 7.06 -21.50 -29.56
N ALA C 64 6.28 -22.37 -28.92
CA ALA C 64 5.16 -21.96 -28.10
C ALA C 64 5.20 -22.74 -26.79
N ILE C 65 4.86 -22.06 -25.69
CA ILE C 65 4.85 -22.69 -24.38
C ILE C 65 3.44 -22.62 -23.81
N PRO C 66 2.45 -23.29 -24.42
CA PRO C 66 1.08 -23.16 -23.92
C PRO C 66 0.93 -23.81 -22.55
N HIS C 67 0.39 -23.04 -21.61
CA HIS C 67 0.16 -23.52 -20.25
C HIS C 67 -1.02 -22.74 -19.67
N THR C 68 -1.34 -23.04 -18.41
CA THR C 68 -2.44 -22.37 -17.72
C THR C 68 -2.09 -22.26 -16.24
N ASP C 69 -3.07 -21.86 -15.44
CA ASP C 69 -2.86 -21.72 -14.01
C ASP C 69 -2.63 -23.08 -13.37
N GLY C 70 -1.84 -23.10 -12.29
CA GLY C 70 -1.49 -24.35 -11.64
C GLY C 70 -2.65 -24.92 -10.86
N GLU C 71 -3.76 -24.20 -10.89
CA GLU C 71 -4.98 -24.63 -10.21
C GLU C 71 -5.67 -25.77 -10.94
N TYR C 72 -5.43 -25.92 -12.25
CA TYR C 72 -6.06 -26.97 -13.03
C TYR C 72 -5.12 -28.14 -13.32
N VAL C 73 -4.16 -28.39 -12.43
CA VAL C 73 -3.15 -29.42 -12.63
C VAL C 73 -3.08 -30.26 -11.36
N ARG C 74 -3.31 -31.57 -11.50
CA ARG C 74 -3.17 -32.48 -10.37
C ARG C 74 -1.72 -32.85 -10.15
N GLN C 75 -1.04 -33.31 -11.20
CA GLN C 75 0.35 -33.71 -11.13
C GLN C 75 1.14 -33.01 -12.23
N ASN C 76 2.39 -32.68 -11.92
CA ASN C 76 3.26 -32.03 -12.90
C ASN C 76 3.47 -32.94 -14.11
N ALA C 77 3.42 -32.34 -15.30
CA ALA C 77 3.51 -33.12 -16.53
C ALA C 77 3.96 -32.21 -17.66
N ILE C 78 4.52 -32.85 -18.69
CA ILE C 78 4.97 -32.16 -19.90
C ILE C 78 4.46 -32.94 -21.11
N SER C 79 4.08 -32.22 -22.16
CA SER C 79 3.67 -32.82 -23.42
C SER C 79 4.35 -32.06 -24.56
N VAL C 80 4.92 -32.80 -25.51
CA VAL C 80 5.68 -32.22 -26.60
C VAL C 80 4.99 -32.54 -27.92
N GLY C 81 5.16 -31.64 -28.89
CA GLY C 81 4.61 -31.82 -30.21
C GLY C 81 5.44 -31.16 -31.29
N ILE C 82 5.62 -31.83 -32.42
CA ILE C 82 6.38 -31.31 -33.55
C ILE C 82 5.42 -31.14 -34.72
N LEU C 83 5.49 -30.00 -35.38
CA LEU C 83 4.54 -29.64 -36.43
C LEU C 83 5.18 -29.78 -37.81
N ALA C 84 4.39 -30.29 -38.76
CA ALA C 84 4.91 -30.46 -40.12
C ALA C 84 5.08 -29.12 -40.84
N GLU C 85 4.26 -28.13 -40.49
CA GLU C 85 4.33 -26.81 -41.10
C GLU C 85 4.27 -25.75 -40.01
N PRO C 86 4.86 -24.58 -40.26
CA PRO C 86 4.81 -23.49 -39.27
C PRO C 86 3.38 -23.03 -39.04
N VAL C 87 2.99 -22.98 -37.77
CA VAL C 87 1.66 -22.54 -37.36
C VAL C 87 1.81 -21.24 -36.58
N ASN C 88 0.93 -20.27 -36.88
CA ASN C 88 1.05 -18.94 -36.30
C ASN C 88 0.66 -18.94 -34.83
N PHE C 89 1.57 -18.51 -33.97
CA PHE C 89 1.30 -18.20 -32.58
C PHE C 89 1.65 -16.74 -32.33
N GLU C 90 0.79 -16.04 -31.59
CA GLU C 90 1.03 -14.63 -31.37
C GLU C 90 2.20 -14.42 -30.41
N ASP C 91 2.89 -13.29 -30.61
CA ASP C 91 4.10 -13.01 -29.84
C ASP C 91 3.77 -12.84 -28.37
N ALA C 92 4.66 -13.35 -27.52
CA ALA C 92 4.44 -13.29 -26.08
C ALA C 92 4.82 -11.94 -25.49
N THR C 93 5.77 -11.23 -26.12
CA THR C 93 6.22 -9.96 -25.57
C THR C 93 5.31 -8.80 -25.97
N GLY C 94 4.51 -8.97 -27.02
CA GLY C 94 3.54 -7.95 -27.41
C GLY C 94 3.69 -7.41 -28.82
N GLU C 95 4.67 -7.85 -29.60
CA GLU C 95 4.79 -7.36 -30.97
C GLU C 95 3.64 -7.88 -31.82
N PRO C 96 2.98 -7.03 -32.61
CA PRO C 96 1.83 -7.50 -33.40
C PRO C 96 2.18 -8.52 -34.46
N ASP C 97 3.45 -8.68 -34.81
CA ASP C 97 3.83 -9.69 -35.79
C ASP C 97 3.73 -11.07 -35.17
N PRO C 98 3.03 -12.02 -35.80
CA PRO C 98 2.94 -13.37 -35.22
C PRO C 98 4.24 -14.13 -35.30
N VAL C 99 4.22 -15.41 -34.90
CA VAL C 99 5.41 -16.23 -34.84
C VAL C 99 5.12 -17.58 -35.47
N PRO C 100 5.84 -17.97 -36.52
CA PRO C 100 5.75 -19.35 -37.02
C PRO C 100 6.34 -20.32 -36.01
N VAL C 101 5.63 -21.41 -35.76
CA VAL C 101 5.99 -22.36 -34.70
C VAL C 101 5.97 -23.77 -35.27
N ARG C 102 7.02 -24.54 -34.97
CA ARG C 102 7.07 -25.96 -35.29
C ARG C 102 7.21 -26.85 -34.06
N VAL C 103 7.74 -26.34 -32.96
CA VAL C 103 7.90 -27.09 -31.71
C VAL C 103 7.04 -26.43 -30.66
N VAL C 104 6.31 -27.24 -29.89
CA VAL C 104 5.38 -26.74 -28.90
C VAL C 104 5.60 -27.52 -27.60
N PHE C 105 5.75 -26.80 -26.49
CA PHE C 105 6.02 -27.39 -25.18
C PHE C 105 4.84 -27.05 -24.27
N MET C 106 3.86 -27.94 -24.21
CA MET C 106 2.74 -27.77 -23.29
C MET C 106 3.21 -28.06 -21.87
N LEU C 107 3.15 -27.05 -21.00
CA LEU C 107 3.59 -27.17 -19.62
C LEU C 107 2.37 -27.31 -18.70
N ALA C 108 2.37 -28.35 -17.87
CA ALA C 108 1.27 -28.62 -16.94
C ALA C 108 1.86 -28.71 -15.53
N LEU C 109 2.03 -27.56 -14.89
CA LEU C 109 2.65 -27.47 -13.57
C LEU C 109 1.60 -27.10 -12.53
N SER C 110 1.81 -27.58 -11.30
CA SER C 110 0.75 -27.59 -10.29
C SER C 110 0.87 -26.48 -9.24
N ASN C 111 2.06 -25.94 -9.02
CA ASN C 111 2.21 -24.86 -8.04
C ASN C 111 3.16 -23.80 -8.58
N TRP C 112 3.05 -22.59 -8.00
CA TRP C 112 3.69 -21.41 -8.58
C TRP C 112 5.20 -21.52 -8.61
N ASP C 113 5.79 -22.13 -7.57
CA ASP C 113 7.25 -22.23 -7.53
C ASP C 113 7.78 -23.14 -8.64
N ASP C 114 6.98 -24.12 -9.07
CA ASP C 114 7.41 -24.98 -10.17
C ASP C 114 7.22 -24.31 -11.53
N ILE C 115 6.22 -23.42 -11.65
CA ILE C 115 6.05 -22.72 -12.91
C ILE C 115 7.22 -21.78 -13.17
N THR C 116 7.67 -21.06 -12.14
CA THR C 116 8.75 -20.10 -12.32
C THR C 116 10.07 -20.81 -12.63
N ASN C 117 10.31 -21.96 -12.00
CA ASN C 117 11.57 -22.67 -12.20
C ASN C 117 11.62 -23.32 -13.58
N VAL C 118 10.58 -24.05 -13.94
CA VAL C 118 10.56 -24.73 -15.24
C VAL C 118 10.58 -23.71 -16.38
N LEU C 119 9.80 -22.63 -16.24
CA LEU C 119 9.78 -21.60 -17.28
C LEU C 119 11.16 -20.94 -17.42
N TYR C 120 11.90 -20.81 -16.33
CA TYR C 120 13.23 -20.24 -16.40
C TYR C 120 14.20 -21.19 -17.11
N TRP C 121 14.10 -22.48 -16.81
CA TRP C 121 14.95 -23.45 -17.50
C TRP C 121 14.58 -23.60 -18.97
N ILE C 122 13.30 -23.44 -19.30
CA ILE C 122 12.87 -23.49 -20.69
C ILE C 122 13.56 -22.39 -21.50
N LYS C 123 13.71 -21.20 -20.91
CA LYS C 123 14.38 -20.10 -21.61
C LYS C 123 15.81 -20.48 -22.00
N ALA C 124 16.44 -21.38 -21.25
CA ALA C 124 17.79 -21.81 -21.57
C ALA C 124 17.83 -22.87 -22.67
N VAL C 125 16.82 -23.74 -22.73
CA VAL C 125 16.86 -24.83 -23.71
C VAL C 125 16.54 -24.31 -25.11
N ILE C 126 15.65 -23.33 -25.22
CA ILE C 126 15.36 -22.74 -26.52
C ILE C 126 16.54 -21.95 -27.05
N GLN C 127 17.47 -21.54 -26.18
CA GLN C 127 18.69 -20.90 -26.63
C GLN C 127 19.77 -21.91 -27.02
N ASP C 128 19.59 -23.18 -26.69
CA ASP C 128 20.45 -24.24 -27.22
C ASP C 128 20.21 -24.35 -28.72
N GLU C 129 20.91 -23.55 -29.51
CA GLU C 129 20.58 -23.45 -30.93
C GLU C 129 20.81 -24.76 -31.66
N ASP C 130 21.90 -25.45 -31.34
CA ASP C 130 22.18 -26.74 -31.98
C ASP C 130 21.18 -27.82 -31.57
N PHE C 131 20.41 -27.60 -30.50
CA PHE C 131 19.31 -28.49 -30.15
C PHE C 131 18.01 -28.09 -30.83
N MET C 132 17.77 -26.78 -31.01
CA MET C 132 16.60 -26.34 -31.76
C MET C 132 16.65 -26.76 -33.22
N GLN C 133 17.80 -27.25 -33.69
CA GLN C 133 17.92 -27.72 -35.06
C GLN C 133 17.65 -29.22 -35.20
N GLN C 134 17.92 -29.99 -34.16
CA GLN C 134 17.74 -31.43 -34.17
C GLN C 134 16.41 -31.87 -33.61
N LEU C 135 15.62 -30.95 -33.05
CA LEU C 135 14.30 -31.30 -32.54
C LEU C 135 13.32 -31.66 -33.66
N LEU C 136 13.57 -31.16 -34.88
CA LEU C 136 12.66 -31.36 -36.00
C LEU C 136 12.96 -32.61 -36.81
N VAL C 137 14.02 -33.34 -36.48
CA VAL C 137 14.36 -34.56 -37.19
C VAL C 137 14.19 -35.81 -36.32
N MET C 138 14.31 -35.70 -35.00
CA MET C 138 14.18 -36.85 -34.13
C MET C 138 12.74 -37.33 -34.08
N ASN C 139 12.56 -38.65 -34.14
CA ASN C 139 11.20 -39.20 -34.12
C ASN C 139 10.65 -39.23 -32.70
N ASP C 140 9.42 -39.75 -32.58
CA ASP C 140 8.69 -39.71 -31.32
C ASP C 140 9.30 -40.59 -30.24
N ASP C 141 10.03 -41.63 -30.61
CA ASP C 141 10.65 -42.48 -29.60
C ASP C 141 11.96 -41.88 -29.09
N GLU C 142 12.70 -41.19 -29.95
CA GLU C 142 14.00 -40.69 -29.54
C GLU C 142 13.92 -39.30 -28.92
N ILE C 143 12.98 -38.46 -29.38
CA ILE C 143 12.78 -37.15 -28.78
C ILE C 143 12.64 -37.27 -27.27
N TYR C 144 11.96 -38.33 -26.83
CA TYR C 144 11.99 -38.74 -25.42
C TYR C 144 13.40 -38.65 -24.84
N GLN C 145 14.35 -39.39 -25.45
CA GLN C 145 15.68 -39.57 -24.88
C GLN C 145 16.35 -38.24 -24.54
N SER C 146 16.57 -37.40 -25.55
CA SER C 146 17.25 -36.13 -25.30
C SER C 146 16.46 -35.25 -24.36
N ILE C 147 15.15 -35.13 -24.59
CA ILE C 147 14.34 -34.21 -23.80
C ILE C 147 14.06 -34.74 -22.40
N TYR C 148 14.11 -36.05 -22.18
CA TYR C 148 13.93 -36.58 -20.83
C TYR C 148 15.21 -36.48 -20.00
N THR C 149 16.37 -36.49 -20.66
CA THR C 149 17.63 -36.36 -19.94
C THR C 149 17.72 -35.00 -19.23
N ARG C 150 17.20 -33.95 -19.86
CA ARG C 150 17.20 -32.62 -19.28
C ARG C 150 16.12 -32.42 -18.24
N ILE C 151 15.22 -33.38 -18.07
CA ILE C 151 14.28 -33.36 -16.96
C ILE C 151 14.88 -34.01 -15.72
N SER C 152 15.63 -35.10 -15.92
CA SER C 152 16.27 -35.79 -14.81
C SER C 152 17.38 -34.96 -14.18
N GLU C 153 17.93 -33.97 -14.90
CA GLU C 153 18.90 -33.07 -14.29
C GLU C 153 18.23 -31.98 -13.46
N LEU C 154 16.97 -31.65 -13.73
CA LEU C 154 16.32 -30.54 -13.04
C LEU C 154 16.20 -30.83 -11.54
N GLU C 155 16.11 -32.09 -11.16
CA GLU C 155 16.08 -32.46 -9.74
C GLU C 155 17.46 -32.21 -9.12
N HIS C 156 17.83 -30.95 -9.00
CA HIS C 156 19.12 -30.57 -8.42
C HIS C 156 18.96 -29.42 -7.44
#